data_2BGP
#
_entry.id   2BGP
#
_cell.length_a   1.000
_cell.length_b   1.000
_cell.length_c   1.000
_cell.angle_alpha   90.00
_cell.angle_beta   90.00
_cell.angle_gamma   90.00
#
_symmetry.space_group_name_H-M   'P 1'
#
_entity_poly.entity_id   1
_entity_poly.type   'polypeptide(L)'
_entity_poly.pdbx_seq_one_letter_code
;MAVPEGNSWTYTAASASITAPAQLVGNVGELQGAGSAVIWNVDVPVTGEYRINLTWSSPYSSKVNTLVMDGTALSYAFAE
ATVPVTYVQTKTLSAGNHSFGVRVGSSDWGYMNVHSLKLELLGGLTIRSPANLEHHHHHH
;
_entity_poly.pdbx_strand_id   A
#
# COMPACT_ATOMS: atom_id res chain seq x y z
N SER A 8 7.54 -15.03 -2.68
CA SER A 8 6.20 -14.48 -2.54
C SER A 8 5.87 -14.30 -1.05
N TRP A 9 5.85 -13.05 -0.61
CA TRP A 9 5.56 -12.75 0.79
C TRP A 9 4.68 -11.52 0.93
N THR A 10 3.69 -11.60 1.81
CA THR A 10 2.78 -10.48 2.06
C THR A 10 2.96 -9.97 3.48
N TYR A 11 2.55 -8.73 3.70
CA TYR A 11 2.64 -8.12 5.02
C TYR A 11 1.35 -7.38 5.35
N THR A 12 0.51 -8.00 6.17
CA THR A 12 -0.77 -7.40 6.55
C THR A 12 -0.54 -6.06 7.24
N ALA A 13 -1.57 -5.22 7.24
CA ALA A 13 -1.48 -3.89 7.86
C ALA A 13 -1.36 -3.98 9.37
N ALA A 14 -1.69 -5.14 9.93
CA ALA A 14 -1.61 -5.33 11.38
C ALA A 14 -0.15 -5.36 11.85
N SER A 15 0.78 -5.52 10.91
CA SER A 15 2.20 -5.56 11.23
C SER A 15 2.92 -4.34 10.68
N ALA A 16 2.23 -3.57 9.83
CA ALA A 16 2.82 -2.37 9.23
C ALA A 16 2.75 -1.19 10.20
N SER A 17 2.98 0.00 9.67
CA SER A 17 2.95 1.21 10.47
C SER A 17 1.76 2.09 10.10
N ILE A 18 0.74 2.07 10.95
CA ILE A 18 -0.46 2.87 10.72
C ILE A 18 -0.25 4.30 11.21
N THR A 19 0.13 5.18 10.29
CA THR A 19 0.38 6.58 10.62
C THR A 19 -0.89 7.43 10.46
N ALA A 20 -1.39 7.95 11.57
CA ALA A 20 -2.60 8.78 11.56
C ALA A 20 -2.53 9.82 10.42
N PRO A 21 -3.69 10.18 9.83
CA PRO A 21 -5.02 9.68 10.21
C PRO A 21 -5.22 8.18 9.94
N ALA A 22 -4.17 7.50 9.53
CA ALA A 22 -4.28 6.07 9.26
C ALA A 22 -4.73 5.32 10.49
N GLN A 23 -5.62 4.37 10.29
CA GLN A 23 -6.16 3.55 11.37
C GLN A 23 -6.24 2.09 10.95
N LEU A 24 -6.06 1.18 11.89
CA LEU A 24 -6.10 -0.25 11.58
C LEU A 24 -7.50 -0.83 11.80
N VAL A 25 -8.29 -0.80 10.74
CA VAL A 25 -9.66 -1.33 10.77
C VAL A 25 -9.70 -2.78 10.29
N GLY A 26 -9.74 -3.71 11.25
CA GLY A 26 -9.78 -5.12 10.91
C GLY A 26 -8.59 -5.55 10.10
N ASN A 27 -7.42 -5.46 10.71
CA ASN A 27 -6.17 -5.83 10.05
C ASN A 27 -6.03 -5.09 8.72
N VAL A 28 -6.70 -3.94 8.60
CA VAL A 28 -6.66 -3.15 7.38
C VAL A 28 -6.48 -1.67 7.69
N GLY A 29 -5.44 -1.05 7.14
CA GLY A 29 -5.20 0.35 7.38
C GLY A 29 -6.42 1.22 7.14
N GLU A 30 -6.28 2.53 7.40
CA GLU A 30 -7.38 3.47 7.22
C GLU A 30 -6.86 4.88 7.05
N LEU A 31 -6.36 5.21 5.87
CA LEU A 31 -5.84 6.54 5.62
C LEU A 31 -6.95 7.53 5.38
N GLN A 32 -6.65 8.81 5.57
CA GLN A 32 -7.64 9.87 5.37
C GLN A 32 -6.99 11.07 4.68
N GLY A 33 -7.02 12.24 5.31
CA GLY A 33 -6.40 13.41 4.72
C GLY A 33 -4.90 13.25 4.56
N ALA A 34 -4.21 14.33 4.22
CA ALA A 34 -2.77 14.28 4.05
C ALA A 34 -2.07 13.99 5.37
N GLY A 35 -0.92 13.33 5.30
CA GLY A 35 -0.17 13.00 6.51
C GLY A 35 -0.25 11.53 6.87
N SER A 36 -1.34 10.88 6.47
CA SER A 36 -1.53 9.46 6.76
C SER A 36 -0.58 8.61 5.92
N ALA A 37 -0.22 7.44 6.42
CA ALA A 37 0.70 6.57 5.69
C ALA A 37 0.79 5.19 6.31
N VAL A 38 0.73 4.17 5.46
CA VAL A 38 0.84 2.78 5.88
C VAL A 38 2.13 2.22 5.31
N ILE A 39 3.22 2.34 6.06
CA ILE A 39 4.51 1.86 5.58
C ILE A 39 4.86 0.49 6.16
N TRP A 40 5.66 -0.26 5.41
CA TRP A 40 6.08 -1.59 5.81
C TRP A 40 7.60 -1.69 5.82
N ASN A 41 8.15 -2.51 6.71
CA ASN A 41 9.59 -2.69 6.81
C ASN A 41 9.99 -4.09 6.33
N VAL A 42 10.75 -4.14 5.25
CA VAL A 42 11.21 -5.41 4.69
C VAL A 42 12.46 -5.22 3.84
N ASP A 43 12.97 -6.32 3.29
CA ASP A 43 14.17 -6.27 2.45
C ASP A 43 13.96 -7.06 1.16
N VAL A 44 14.60 -6.60 0.09
CA VAL A 44 14.50 -7.25 -1.21
C VAL A 44 15.63 -8.27 -1.40
N PRO A 45 15.28 -9.54 -1.68
CA PRO A 45 16.27 -10.60 -1.88
C PRO A 45 17.32 -10.24 -2.93
N VAL A 46 16.87 -9.76 -4.09
CA VAL A 46 17.78 -9.41 -5.16
C VAL A 46 17.41 -8.07 -5.81
N THR A 47 18.10 -7.74 -6.89
CA THR A 47 17.87 -6.50 -7.61
C THR A 47 17.15 -6.76 -8.91
N GLY A 48 15.81 -6.67 -8.88
CA GLY A 48 15.02 -6.90 -10.07
C GLY A 48 13.63 -6.30 -9.97
N GLU A 49 12.80 -6.56 -10.97
CA GLU A 49 11.44 -6.04 -10.98
C GLU A 49 10.46 -7.08 -10.45
N TYR A 50 9.91 -6.81 -9.28
CA TYR A 50 8.96 -7.71 -8.64
C TYR A 50 7.54 -7.33 -8.99
N ARG A 51 6.64 -8.31 -8.91
CA ARG A 51 5.23 -8.08 -9.22
C ARG A 51 4.46 -7.73 -7.95
N ILE A 52 4.15 -6.46 -7.79
CA ILE A 52 3.43 -6.00 -6.61
C ILE A 52 1.93 -5.93 -6.87
N ASN A 53 1.15 -6.15 -5.82
CA ASN A 53 -0.30 -6.10 -5.91
C ASN A 53 -0.88 -5.55 -4.62
N LEU A 54 -1.77 -4.58 -4.74
CA LEU A 54 -2.39 -3.97 -3.56
C LEU A 54 -3.77 -4.55 -3.30
N THR A 55 -4.02 -4.84 -2.04
CA THR A 55 -5.31 -5.41 -1.63
C THR A 55 -6.00 -4.53 -0.59
N TRP A 56 -7.31 -4.33 -0.76
CA TRP A 56 -8.07 -3.51 0.18
C TRP A 56 -9.47 -4.11 0.44
N SER A 57 -10.09 -3.67 1.53
CA SER A 57 -11.42 -4.15 1.93
C SER A 57 -12.07 -3.17 2.88
N SER A 58 -12.58 -2.09 2.32
CA SER A 58 -13.25 -1.05 3.08
C SER A 58 -14.68 -0.91 2.59
N PRO A 59 -15.64 -1.52 3.29
CA PRO A 59 -17.05 -1.49 2.89
C PRO A 59 -17.71 -0.09 2.94
N TYR A 60 -17.06 0.92 2.37
CA TYR A 60 -17.64 2.27 2.36
C TYR A 60 -17.33 3.01 1.06
N SER A 61 -16.17 3.65 0.98
CA SER A 61 -15.77 4.41 -0.21
C SER A 61 -14.44 5.12 0.01
N SER A 62 -13.76 5.50 -1.07
CA SER A 62 -12.47 6.16 -0.95
C SER A 62 -12.33 7.35 -1.92
N LYS A 63 -11.14 7.51 -2.49
CA LYS A 63 -10.86 8.63 -3.39
C LYS A 63 -9.42 8.55 -3.91
N VAL A 64 -9.06 9.45 -4.82
CA VAL A 64 -7.71 9.49 -5.38
C VAL A 64 -6.66 9.32 -4.27
N ASN A 65 -5.55 8.65 -4.58
CA ASN A 65 -4.50 8.44 -3.59
C ASN A 65 -3.15 8.10 -4.23
N THR A 66 -2.10 8.10 -3.41
CA THR A 66 -0.75 7.81 -3.89
C THR A 66 -0.28 6.44 -3.40
N LEU A 67 0.35 5.69 -4.30
CA LEU A 67 0.87 4.36 -3.99
C LEU A 67 2.37 4.41 -3.76
N VAL A 68 2.80 4.34 -2.50
CA VAL A 68 4.21 4.38 -2.17
C VAL A 68 4.81 2.97 -2.13
N MET A 69 5.41 2.56 -3.24
CA MET A 69 6.02 1.23 -3.31
C MET A 69 7.51 1.35 -3.66
N ASP A 70 8.35 0.92 -2.72
CA ASP A 70 9.81 0.97 -2.91
C ASP A 70 10.31 2.42 -2.90
N GLY A 71 9.57 3.29 -2.22
CA GLY A 71 9.97 4.69 -2.14
C GLY A 71 9.29 5.55 -3.19
N THR A 72 8.90 4.94 -4.30
CA THR A 72 8.24 5.67 -5.37
C THR A 72 6.73 5.76 -5.12
N ALA A 73 6.16 6.93 -5.38
CA ALA A 73 4.73 7.14 -5.17
C ALA A 73 4.00 7.36 -6.49
N LEU A 74 3.26 6.35 -6.94
CA LEU A 74 2.51 6.43 -8.18
C LEU A 74 1.11 6.98 -7.92
N SER A 75 0.57 7.73 -8.88
CA SER A 75 -0.76 8.30 -8.74
C SER A 75 -1.83 7.26 -9.06
N TYR A 76 -2.48 6.76 -8.02
CA TYR A 76 -3.53 5.76 -8.18
C TYR A 76 -4.79 6.19 -7.45
N ALA A 77 -5.81 6.56 -8.23
CA ALA A 77 -7.07 7.01 -7.67
C ALA A 77 -8.11 5.89 -7.63
N PHE A 78 -8.87 5.81 -6.53
CA PHE A 78 -9.89 4.77 -6.43
C PHE A 78 -10.75 4.94 -5.19
N ALA A 79 -11.72 4.04 -5.03
CA ALA A 79 -12.62 4.07 -3.89
C ALA A 79 -12.23 2.99 -2.90
N GLU A 80 -13.14 2.65 -2.00
CA GLU A 80 -12.88 1.62 -1.00
C GLU A 80 -13.94 0.53 -1.07
N ALA A 81 -13.53 -0.63 -1.54
CA ALA A 81 -14.41 -1.79 -1.69
C ALA A 81 -14.32 -2.68 -0.47
N THR A 82 -15.41 -3.39 -0.18
CA THR A 82 -15.42 -4.30 0.96
C THR A 82 -14.71 -5.61 0.62
N VAL A 83 -14.81 -6.00 -0.64
CA VAL A 83 -14.20 -7.24 -1.11
C VAL A 83 -12.70 -7.04 -1.36
N PRO A 84 -11.87 -8.03 -0.99
CA PRO A 84 -10.41 -7.96 -1.17
C PRO A 84 -10.03 -7.80 -2.64
N VAL A 85 -10.15 -6.57 -3.15
CA VAL A 85 -9.81 -6.28 -4.54
C VAL A 85 -8.31 -6.14 -4.70
N THR A 86 -7.75 -6.81 -5.71
CA THR A 86 -6.32 -6.75 -5.96
C THR A 86 -6.00 -5.96 -7.24
N TYR A 87 -4.79 -5.42 -7.29
CA TYR A 87 -4.33 -4.65 -8.44
C TYR A 87 -2.90 -5.04 -8.79
N VAL A 88 -2.57 -5.01 -10.08
CA VAL A 88 -1.23 -5.37 -10.53
C VAL A 88 -0.35 -4.14 -10.71
N GLN A 89 0.91 -4.25 -10.28
CA GLN A 89 1.87 -3.15 -10.38
C GLN A 89 3.29 -3.69 -10.38
N THR A 90 3.99 -3.49 -11.49
CA THR A 90 5.37 -3.96 -11.62
C THR A 90 6.36 -2.81 -11.48
N LYS A 91 7.45 -3.05 -10.76
CA LYS A 91 8.47 -2.04 -10.55
C LYS A 91 9.79 -2.69 -10.14
N THR A 92 10.90 -1.98 -10.38
CA THR A 92 12.23 -2.50 -10.05
C THR A 92 12.65 -2.10 -8.63
N LEU A 93 13.07 -3.10 -7.85
CA LEU A 93 13.52 -2.86 -6.48
C LEU A 93 14.99 -3.27 -6.33
N SER A 94 15.67 -2.65 -5.38
CA SER A 94 17.08 -2.95 -5.13
C SER A 94 17.25 -3.81 -3.88
N ALA A 95 18.41 -4.43 -3.76
CA ALA A 95 18.71 -5.28 -2.62
C ALA A 95 18.97 -4.45 -1.37
N GLY A 96 18.51 -4.95 -0.22
CA GLY A 96 18.71 -4.23 1.03
C GLY A 96 17.41 -3.91 1.73
N ASN A 97 17.35 -2.75 2.37
CA ASN A 97 16.16 -2.32 3.08
C ASN A 97 15.43 -1.23 2.32
N HIS A 98 14.10 -1.35 2.23
CA HIS A 98 13.29 -0.37 1.53
C HIS A 98 11.98 -0.12 2.26
N SER A 99 11.25 0.91 1.84
CA SER A 99 9.97 1.25 2.46
C SER A 99 8.83 1.12 1.47
N PHE A 100 7.86 0.26 1.79
CA PHE A 100 6.70 0.05 0.93
C PHE A 100 5.42 0.42 1.66
N GLY A 101 4.38 0.79 0.91
CA GLY A 101 3.13 1.16 1.53
C GLY A 101 2.23 1.99 0.63
N VAL A 102 1.27 2.66 1.26
CA VAL A 102 0.33 3.51 0.54
C VAL A 102 -0.04 4.71 1.39
N ARG A 103 0.23 5.92 0.90
CA ARG A 103 -0.07 7.13 1.66
C ARG A 103 -0.94 8.09 0.87
N VAL A 104 -1.26 9.22 1.50
CA VAL A 104 -2.09 10.24 0.88
C VAL A 104 -1.28 11.47 0.51
N GLY A 105 -1.46 11.95 -0.73
CA GLY A 105 -0.74 13.13 -1.17
C GLY A 105 -1.53 14.40 -1.00
N SER A 106 -0.94 15.53 -1.38
CA SER A 106 -1.60 16.82 -1.24
C SER A 106 -2.60 17.04 -2.38
N SER A 107 -2.15 16.82 -3.61
CA SER A 107 -3.00 16.99 -4.78
C SER A 107 -3.97 15.83 -4.92
N ASP A 108 -3.55 14.65 -4.45
CA ASP A 108 -4.39 13.46 -4.53
C ASP A 108 -4.62 12.88 -3.13
N TRP A 109 -5.80 13.14 -2.58
CA TRP A 109 -6.14 12.65 -1.25
C TRP A 109 -7.44 11.82 -1.28
N GLY A 110 -7.46 10.78 -0.46
CA GLY A 110 -8.62 9.92 -0.38
C GLY A 110 -8.53 8.94 0.77
N TYR A 111 -9.57 8.88 1.60
CA TYR A 111 -9.59 7.98 2.74
C TYR A 111 -9.72 6.54 2.29
N MET A 112 -8.64 5.77 2.37
CA MET A 112 -8.67 4.37 1.95
C MET A 112 -8.09 3.45 3.00
N ASN A 113 -8.60 2.23 3.07
CA ASN A 113 -8.10 1.23 4.00
C ASN A 113 -7.06 0.38 3.30
N VAL A 114 -6.13 -0.19 4.05
CA VAL A 114 -5.08 -1.00 3.46
C VAL A 114 -5.06 -2.41 4.03
N HIS A 115 -5.39 -3.39 3.17
CA HIS A 115 -5.42 -4.79 3.57
C HIS A 115 -4.03 -5.35 3.74
N SER A 116 -3.23 -5.28 2.69
CA SER A 116 -1.88 -5.81 2.75
C SER A 116 -1.13 -5.60 1.44
N LEU A 117 0.18 -5.40 1.56
CA LEU A 117 1.04 -5.20 0.40
C LEU A 117 1.72 -6.51 0.02
N LYS A 118 1.63 -6.88 -1.25
CA LYS A 118 2.23 -8.13 -1.71
C LYS A 118 3.36 -7.88 -2.70
N LEU A 119 4.40 -8.71 -2.62
CA LEU A 119 5.54 -8.58 -3.52
C LEU A 119 6.07 -9.96 -3.92
N GLU A 120 5.94 -10.29 -5.20
CA GLU A 120 6.40 -11.57 -5.72
C GLU A 120 7.64 -11.39 -6.58
N LEU A 121 8.13 -12.48 -7.16
CA LEU A 121 9.32 -12.41 -8.02
C LEU A 121 8.94 -12.25 -9.49
N LEU A 122 7.76 -11.66 -9.73
CA LEU A 122 7.29 -11.44 -11.09
C LEU A 122 7.27 -12.74 -11.89
N GLY A 123 6.30 -13.60 -11.59
CA GLY A 123 6.19 -14.87 -12.29
C GLY A 123 7.45 -15.70 -12.18
N SER A 8 6.42 -14.63 -2.50
CA SER A 8 5.54 -13.49 -2.32
C SER A 8 5.50 -13.07 -0.85
N TRP A 9 5.95 -11.85 -0.59
CA TRP A 9 5.97 -11.35 0.78
C TRP A 9 4.86 -10.35 1.03
N THR A 10 3.82 -10.79 1.75
CA THR A 10 2.70 -9.92 2.08
C THR A 10 2.86 -9.37 3.49
N TYR A 11 3.35 -8.16 3.59
CA TYR A 11 3.54 -7.52 4.88
C TYR A 11 2.22 -6.95 5.38
N THR A 12 1.51 -7.73 6.19
CA THR A 12 0.22 -7.29 6.72
C THR A 12 0.34 -5.92 7.37
N ALA A 13 -0.79 -5.20 7.44
CA ALA A 13 -0.80 -3.87 8.03
C ALA A 13 -0.66 -3.92 9.54
N ALA A 14 -0.94 -5.08 10.14
CA ALA A 14 -0.84 -5.25 11.57
C ALA A 14 0.62 -5.22 12.03
N SER A 15 1.54 -5.34 11.08
CA SER A 15 2.97 -5.32 11.40
C SER A 15 3.59 -3.97 11.04
N ALA A 16 2.96 -3.26 10.10
CA ALA A 16 3.46 -1.96 9.67
C ALA A 16 3.07 -0.87 10.66
N SER A 17 3.41 0.37 10.32
CA SER A 17 3.09 1.51 11.18
C SER A 17 1.97 2.35 10.56
N ILE A 18 0.82 2.38 11.24
CA ILE A 18 -0.31 3.15 10.77
C ILE A 18 -0.22 4.61 11.24
N THR A 19 -0.06 5.52 10.28
CA THR A 19 0.05 6.94 10.59
C THR A 19 -1.29 7.65 10.45
N ALA A 20 -1.81 8.18 11.55
CA ALA A 20 -3.09 8.89 11.54
C ALA A 20 -3.15 9.89 10.38
N PRO A 21 -4.36 10.18 9.85
CA PRO A 21 -5.63 9.61 10.33
C PRO A 21 -5.75 8.11 10.06
N ALA A 22 -4.71 7.51 9.51
CA ALA A 22 -4.72 6.09 9.22
C ALA A 22 -4.95 5.28 10.49
N GLN A 23 -5.76 4.24 10.37
CA GLN A 23 -6.07 3.38 11.49
C GLN A 23 -6.04 1.91 11.08
N LEU A 24 -5.64 1.05 12.00
CA LEU A 24 -5.56 -0.39 11.73
C LEU A 24 -6.87 -1.08 12.09
N VAL A 25 -7.68 -1.36 11.08
CA VAL A 25 -8.97 -2.02 11.29
C VAL A 25 -8.90 -3.52 10.98
N GLY A 26 -8.76 -4.34 12.02
CA GLY A 26 -8.69 -5.77 11.83
C GLY A 26 -7.52 -6.18 10.96
N ASN A 27 -6.32 -5.86 11.42
CA ASN A 27 -5.11 -6.19 10.68
C ASN A 27 -5.14 -5.58 9.29
N VAL A 28 -5.95 -4.53 9.11
CA VAL A 28 -6.08 -3.86 7.83
C VAL A 28 -5.87 -2.36 7.97
N GLY A 29 -4.85 -1.83 7.31
CA GLY A 29 -4.58 -0.41 7.38
C GLY A 29 -5.66 0.41 6.72
N GLU A 30 -5.87 1.62 7.21
CA GLU A 30 -6.88 2.52 6.67
C GLU A 30 -6.37 3.94 6.63
N LEU A 31 -6.97 4.76 5.78
CA LEU A 31 -6.56 6.17 5.66
C LEU A 31 -7.77 7.05 5.39
N GLN A 32 -7.67 8.31 5.78
CA GLN A 32 -8.77 9.26 5.57
C GLN A 32 -8.25 10.68 5.44
N GLY A 33 -8.00 11.10 4.20
CA GLY A 33 -7.49 12.43 3.95
C GLY A 33 -5.98 12.48 3.89
N ALA A 34 -5.44 13.68 3.80
CA ALA A 34 -3.99 13.87 3.74
C ALA A 34 -3.36 13.73 5.11
N GLY A 35 -2.14 13.20 5.16
CA GLY A 35 -1.45 13.03 6.42
C GLY A 35 -1.40 11.59 6.88
N SER A 36 -2.35 10.78 6.42
CA SER A 36 -2.39 9.37 6.80
C SER A 36 -1.43 8.56 5.94
N ALA A 37 -0.91 7.46 6.49
CA ALA A 37 0.02 6.64 5.74
C ALA A 37 0.32 5.31 6.43
N VAL A 38 0.27 4.23 5.65
CA VAL A 38 0.58 2.89 6.16
C VAL A 38 1.91 2.44 5.58
N ILE A 39 3.00 2.75 6.29
CA ILE A 39 4.33 2.40 5.81
C ILE A 39 4.80 1.06 6.36
N TRP A 40 5.68 0.42 5.61
CA TRP A 40 6.22 -0.89 5.99
C TRP A 40 7.74 -0.85 6.01
N ASN A 41 8.34 -1.64 6.90
CA ASN A 41 9.79 -1.72 7.00
C ASN A 41 10.27 -3.14 6.73
N VAL A 42 10.97 -3.32 5.62
CA VAL A 42 11.49 -4.63 5.24
C VAL A 42 12.67 -4.50 4.28
N ASP A 43 13.21 -5.64 3.85
CA ASP A 43 14.34 -5.65 2.94
C ASP A 43 14.04 -6.50 1.71
N VAL A 44 14.42 -6.00 0.55
CA VAL A 44 14.19 -6.71 -0.72
C VAL A 44 14.87 -8.08 -0.71
N PRO A 45 14.19 -9.11 -1.23
CA PRO A 45 14.75 -10.47 -1.28
C PRO A 45 15.96 -10.58 -2.19
N VAL A 46 15.80 -10.19 -3.46
CA VAL A 46 16.89 -10.26 -4.42
C VAL A 46 16.88 -9.05 -5.37
N THR A 47 17.70 -9.14 -6.41
CA THR A 47 17.81 -8.08 -7.40
C THR A 47 17.17 -8.50 -8.72
N GLY A 48 15.88 -8.20 -8.87
CA GLY A 48 15.18 -8.56 -10.09
C GLY A 48 13.86 -7.83 -10.23
N GLU A 49 12.96 -8.40 -11.02
CA GLU A 49 11.64 -7.78 -11.25
C GLU A 49 10.54 -8.60 -10.58
N TYR A 50 9.78 -7.96 -9.71
CA TYR A 50 8.68 -8.63 -9.01
C TYR A 50 7.37 -7.89 -9.26
N ARG A 51 6.28 -8.64 -9.31
CA ARG A 51 4.96 -8.06 -9.54
C ARG A 51 4.32 -7.66 -8.21
N ILE A 52 4.03 -6.38 -8.06
CA ILE A 52 3.41 -5.88 -6.83
C ILE A 52 1.91 -6.16 -6.81
N ASN A 53 1.39 -6.41 -5.63
CA ASN A 53 -0.04 -6.69 -5.46
C ASN A 53 -0.57 -5.98 -4.23
N LEU A 54 -1.44 -4.99 -4.43
CA LEU A 54 -2.02 -4.26 -3.32
C LEU A 54 -3.41 -4.78 -3.00
N THR A 55 -3.55 -5.27 -1.78
CA THR A 55 -4.84 -5.83 -1.35
C THR A 55 -5.55 -4.87 -0.38
N TRP A 56 -6.82 -4.58 -0.66
CA TRP A 56 -7.58 -3.67 0.17
C TRP A 56 -9.09 -3.87 -0.03
N SER A 57 -9.87 -3.64 1.04
CA SER A 57 -11.33 -3.80 0.99
C SER A 57 -12.01 -3.05 2.13
N SER A 58 -12.70 -1.97 1.80
CA SER A 58 -13.42 -1.17 2.78
C SER A 58 -14.57 -0.44 2.11
N PRO A 59 -15.72 -1.12 1.97
CA PRO A 59 -16.91 -0.55 1.34
C PRO A 59 -17.34 0.77 2.00
N TYR A 60 -16.74 1.88 1.57
CA TYR A 60 -17.07 3.18 2.14
C TYR A 60 -17.67 4.13 1.09
N SER A 61 -16.82 4.92 0.43
CA SER A 61 -17.30 5.86 -0.59
C SER A 61 -16.36 5.91 -1.80
N SER A 62 -15.59 7.00 -1.94
CA SER A 62 -14.67 7.14 -3.06
C SER A 62 -13.82 8.41 -2.94
N LYS A 63 -12.56 8.31 -3.37
CA LYS A 63 -11.65 9.46 -3.33
C LYS A 63 -10.28 9.06 -3.88
N VAL A 64 -9.43 10.07 -4.10
CA VAL A 64 -8.07 9.82 -4.61
C VAL A 64 -7.12 9.45 -3.48
N ASN A 65 -5.99 8.83 -3.83
CA ASN A 65 -5.01 8.44 -2.83
C ASN A 65 -3.64 8.22 -3.46
N THR A 66 -2.62 8.12 -2.61
CA THR A 66 -1.26 7.90 -3.07
C THR A 66 -0.79 6.49 -2.73
N LEU A 67 -0.12 5.85 -3.68
CA LEU A 67 0.37 4.48 -3.49
C LEU A 67 1.88 4.44 -3.59
N VAL A 68 2.54 4.34 -2.43
CA VAL A 68 3.99 4.28 -2.37
C VAL A 68 4.50 2.86 -2.55
N MET A 69 5.12 2.60 -3.70
CA MET A 69 5.66 1.29 -4.00
C MET A 69 7.14 1.38 -4.37
N ASP A 70 8.00 1.05 -3.42
CA ASP A 70 9.44 1.09 -3.62
C ASP A 70 9.96 2.52 -3.52
N GLY A 71 9.33 3.32 -2.67
CA GLY A 71 9.74 4.71 -2.49
C GLY A 71 8.99 5.67 -3.39
N THR A 72 8.50 5.17 -4.52
CA THR A 72 7.76 6.00 -5.47
C THR A 72 6.26 6.00 -5.15
N ALA A 73 5.69 7.19 -5.04
CA ALA A 73 4.27 7.33 -4.74
C ALA A 73 3.46 7.55 -6.01
N LEU A 74 2.86 6.49 -6.52
CA LEU A 74 2.05 6.58 -7.72
C LEU A 74 0.66 7.11 -7.41
N SER A 75 0.21 8.09 -8.18
CA SER A 75 -1.10 8.70 -7.97
C SER A 75 -2.20 7.84 -8.57
N TYR A 76 -2.94 7.17 -7.71
CA TYR A 76 -4.03 6.30 -8.14
C TYR A 76 -5.33 6.66 -7.41
N ALA A 77 -6.34 7.04 -8.17
CA ALA A 77 -7.62 7.42 -7.59
C ALA A 77 -8.67 6.34 -7.80
N PHE A 78 -9.51 6.15 -6.78
CA PHE A 78 -10.59 5.15 -6.85
C PHE A 78 -11.54 5.30 -5.67
N ALA A 79 -11.30 4.55 -4.60
CA ALA A 79 -12.16 4.60 -3.42
C ALA A 79 -11.50 3.85 -2.26
N GLU A 80 -12.32 3.35 -1.35
CA GLU A 80 -11.83 2.60 -0.20
C GLU A 80 -12.09 1.11 -0.40
N ALA A 81 -12.05 0.69 -1.66
CA ALA A 81 -12.29 -0.70 -2.04
C ALA A 81 -13.54 -1.24 -1.35
N THR A 82 -13.73 -2.55 -1.43
CA THR A 82 -14.90 -3.17 -0.82
C THR A 82 -14.67 -4.66 -0.61
N VAL A 83 -14.06 -5.29 -1.60
CA VAL A 83 -13.77 -6.71 -1.56
C VAL A 83 -12.26 -6.89 -1.63
N PRO A 84 -11.77 -8.13 -1.70
CA PRO A 84 -10.34 -8.39 -1.82
C PRO A 84 -9.83 -7.89 -3.17
N VAL A 85 -9.94 -6.58 -3.39
CA VAL A 85 -9.54 -5.96 -4.64
C VAL A 85 -8.03 -5.78 -4.69
N THR A 86 -7.37 -6.50 -5.59
CA THR A 86 -5.93 -6.43 -5.74
C THR A 86 -5.53 -5.49 -6.87
N TYR A 87 -4.31 -4.96 -6.80
CA TYR A 87 -3.79 -4.07 -7.81
C TYR A 87 -2.42 -4.55 -8.28
N VAL A 88 -2.24 -4.66 -9.59
CA VAL A 88 -0.98 -5.13 -10.15
C VAL A 88 -0.10 -3.98 -10.62
N GLN A 89 1.18 -4.06 -10.25
CA GLN A 89 2.16 -3.05 -10.65
C GLN A 89 3.50 -3.71 -10.92
N THR A 90 3.93 -3.71 -12.17
CA THR A 90 5.20 -4.31 -12.53
C THR A 90 6.33 -3.36 -12.21
N LYS A 91 7.21 -3.78 -11.31
CA LYS A 91 8.32 -2.94 -10.88
C LYS A 91 9.48 -3.79 -10.35
N THR A 92 10.70 -3.32 -10.59
CA THR A 92 11.90 -4.03 -10.14
C THR A 92 12.40 -3.48 -8.80
N LEU A 93 12.94 -4.37 -7.99
CA LEU A 93 13.48 -3.99 -6.68
C LEU A 93 14.93 -4.43 -6.55
N SER A 94 15.73 -3.61 -5.87
CA SER A 94 17.15 -3.93 -5.68
C SER A 94 17.36 -4.61 -4.33
N ALA A 95 18.51 -5.25 -4.17
CA ALA A 95 18.84 -5.94 -2.94
C ALA A 95 19.25 -4.96 -1.85
N GLY A 96 18.54 -4.99 -0.73
CA GLY A 96 18.85 -4.09 0.37
C GLY A 96 17.60 -3.65 1.12
N ASN A 97 17.64 -2.43 1.65
CA ASN A 97 16.51 -1.89 2.40
C ASN A 97 15.64 -1.01 1.50
N HIS A 98 14.34 -1.05 1.73
CA HIS A 98 13.41 -0.24 0.93
C HIS A 98 12.13 0.05 1.72
N SER A 99 11.55 1.22 1.48
CA SER A 99 10.32 1.62 2.16
C SER A 99 9.10 1.31 1.29
N PHE A 100 8.00 0.93 1.94
CA PHE A 100 6.77 0.60 1.22
C PHE A 100 5.54 1.08 1.98
N GLY A 101 4.38 1.03 1.33
CA GLY A 101 3.15 1.45 1.98
C GLY A 101 2.24 2.28 1.09
N VAL A 102 1.04 2.52 1.57
CA VAL A 102 0.04 3.31 0.85
C VAL A 102 -0.33 4.53 1.69
N ARG A 103 0.03 5.72 1.21
CA ARG A 103 -0.26 6.95 1.94
C ARG A 103 -1.21 7.87 1.19
N VAL A 104 -1.50 9.01 1.82
CA VAL A 104 -2.40 10.00 1.23
C VAL A 104 -1.96 11.42 1.61
N GLY A 105 -1.70 12.24 0.60
CA GLY A 105 -1.29 13.61 0.85
C GLY A 105 -2.04 14.61 0.01
N SER A 106 -1.59 15.86 0.03
CA SER A 106 -2.23 16.92 -0.75
C SER A 106 -2.24 16.58 -2.23
N SER A 107 -1.21 15.86 -2.66
CA SER A 107 -1.10 15.46 -4.06
C SER A 107 -2.20 14.49 -4.44
N ASP A 108 -2.68 13.74 -3.44
CA ASP A 108 -3.74 12.75 -3.66
C ASP A 108 -4.52 12.51 -2.38
N TRP A 109 -5.26 13.52 -1.94
CA TRP A 109 -6.06 13.41 -0.71
C TRP A 109 -7.21 12.44 -0.90
N GLY A 110 -7.67 11.85 0.20
CA GLY A 110 -8.77 10.91 0.14
C GLY A 110 -8.61 9.76 1.12
N TYR A 111 -9.46 8.76 1.00
CA TYR A 111 -9.42 7.60 1.89
C TYR A 111 -9.26 6.31 1.09
N MET A 112 -8.64 5.32 1.71
CA MET A 112 -8.43 4.02 1.07
C MET A 112 -8.05 2.95 2.09
N ASN A 113 -8.51 1.73 1.85
CA ASN A 113 -8.21 0.62 2.75
C ASN A 113 -6.81 0.06 2.46
N VAL A 114 -6.35 -0.83 3.32
CA VAL A 114 -5.04 -1.43 3.16
C VAL A 114 -4.98 -2.79 3.85
N HIS A 115 -4.98 -3.86 3.05
CA HIS A 115 -4.94 -5.22 3.57
C HIS A 115 -3.52 -5.69 3.79
N SER A 116 -2.71 -5.62 2.75
CA SER A 116 -1.33 -6.08 2.87
C SER A 116 -0.56 -5.85 1.57
N LEU A 117 0.67 -5.37 1.73
CA LEU A 117 1.54 -5.11 0.59
C LEU A 117 2.31 -6.39 0.22
N LYS A 118 1.98 -6.96 -0.94
CA LYS A 118 2.64 -8.19 -1.37
C LYS A 118 3.37 -8.02 -2.70
N LEU A 119 4.63 -8.45 -2.72
CA LEU A 119 5.45 -8.39 -3.92
C LEU A 119 5.85 -9.80 -4.33
N GLU A 120 5.27 -10.30 -5.41
CA GLU A 120 5.55 -11.65 -5.88
C GLU A 120 6.56 -11.65 -7.04
N LEU A 121 7.31 -12.74 -7.14
CA LEU A 121 8.31 -12.89 -8.20
C LEU A 121 7.64 -12.95 -9.57
N LEU A 122 8.24 -12.27 -10.55
CA LEU A 122 7.69 -12.26 -11.91
C LEU A 122 8.36 -13.33 -12.77
N GLY A 123 8.82 -14.40 -12.12
CA GLY A 123 9.48 -15.47 -12.86
C GLY A 123 8.55 -16.64 -13.13
N SER A 8 8.13 -14.85 -2.30
CA SER A 8 7.07 -13.86 -2.21
C SER A 8 6.82 -13.45 -0.76
N TRP A 9 6.76 -12.15 -0.51
CA TRP A 9 6.54 -11.64 0.83
C TRP A 9 5.31 -10.74 0.91
N THR A 10 4.51 -10.94 1.95
CA THR A 10 3.32 -10.13 2.17
C THR A 10 3.56 -9.19 3.34
N TYR A 11 2.77 -8.13 3.42
CA TYR A 11 2.93 -7.16 4.49
C TYR A 11 1.57 -6.74 5.03
N THR A 12 1.13 -7.42 6.09
CA THR A 12 -0.15 -7.11 6.71
C THR A 12 -0.10 -5.75 7.42
N ALA A 13 -1.18 -5.00 7.34
CA ALA A 13 -1.24 -3.69 7.97
C ALA A 13 -1.23 -3.79 9.49
N ALA A 14 -1.58 -4.98 10.01
CA ALA A 14 -1.61 -5.20 11.46
C ALA A 14 -0.20 -5.21 12.03
N SER A 15 0.75 -5.65 11.22
CA SER A 15 2.16 -5.72 11.65
C SER A 15 2.96 -4.60 11.01
N ALA A 16 2.30 -3.48 10.73
CA ALA A 16 2.95 -2.33 10.12
C ALA A 16 2.78 -1.08 10.98
N SER A 17 3.07 0.08 10.39
CA SER A 17 2.94 1.35 11.11
C SER A 17 1.83 2.20 10.50
N ILE A 18 0.70 2.26 11.18
CA ILE A 18 -0.44 3.04 10.72
C ILE A 18 -0.32 4.49 11.16
N THR A 19 0.22 5.34 10.28
CA THR A 19 0.40 6.75 10.58
C THR A 19 -0.91 7.51 10.39
N ALA A 20 -1.38 8.15 11.45
CA ALA A 20 -2.62 8.92 11.40
C ALA A 20 -2.60 9.92 10.24
N PRO A 21 -3.77 10.33 9.72
CA PRO A 21 -5.08 9.89 10.20
C PRO A 21 -5.37 8.42 9.92
N ALA A 22 -4.38 7.71 9.38
CA ALA A 22 -4.55 6.30 9.08
C ALA A 22 -4.88 5.53 10.35
N GLN A 23 -5.76 4.55 10.23
CA GLN A 23 -6.18 3.72 11.35
C GLN A 23 -6.25 2.26 10.95
N LEU A 24 -5.91 1.38 11.88
CA LEU A 24 -5.94 -0.05 11.62
C LEU A 24 -7.29 -0.65 12.00
N VAL A 25 -8.18 -0.76 11.02
CA VAL A 25 -9.51 -1.32 11.25
C VAL A 25 -9.58 -2.81 10.96
N GLY A 26 -9.49 -3.62 12.02
CA GLY A 26 -9.56 -5.07 11.85
C GLY A 26 -8.45 -5.60 10.98
N ASN A 27 -7.21 -5.38 11.39
CA ASN A 27 -6.06 -5.83 10.64
C ASN A 27 -6.04 -5.23 9.25
N VAL A 28 -6.76 -4.12 9.07
CA VAL A 28 -6.82 -3.45 7.78
C VAL A 28 -6.57 -1.95 7.93
N GLY A 29 -5.58 -1.43 7.23
CA GLY A 29 -5.26 -0.02 7.31
C GLY A 29 -6.35 0.84 6.71
N GLU A 30 -6.54 2.04 7.27
CA GLU A 30 -7.57 2.94 6.77
C GLU A 30 -7.11 4.40 6.85
N LEU A 31 -6.77 4.96 5.71
CA LEU A 31 -6.32 6.35 5.64
C LEU A 31 -7.50 7.30 5.47
N GLN A 32 -7.28 8.57 5.81
CA GLN A 32 -8.32 9.58 5.69
C GLN A 32 -7.71 10.97 5.54
N GLY A 33 -7.42 11.35 4.30
CA GLY A 33 -6.83 12.64 4.04
C GLY A 33 -5.31 12.60 4.06
N ALA A 34 -4.68 13.73 3.73
CA ALA A 34 -3.22 13.81 3.71
C ALA A 34 -2.64 13.60 5.10
N GLY A 35 -1.43 13.07 5.17
CA GLY A 35 -0.78 12.84 6.44
C GLY A 35 -0.73 11.37 6.82
N SER A 36 -1.71 10.61 6.34
CA SER A 36 -1.78 9.18 6.63
C SER A 36 -0.74 8.41 5.83
N ALA A 37 -0.28 7.29 6.36
CA ALA A 37 0.71 6.49 5.65
C ALA A 37 0.95 5.13 6.30
N VAL A 38 0.46 4.09 5.65
CA VAL A 38 0.66 2.71 6.13
C VAL A 38 1.95 2.17 5.55
N ILE A 39 3.05 2.39 6.25
CA ILE A 39 4.36 1.94 5.77
C ILE A 39 4.76 0.59 6.34
N TRP A 40 5.67 -0.08 5.63
CA TRP A 40 6.17 -1.38 6.03
C TRP A 40 7.70 -1.41 5.98
N ASN A 41 8.30 -2.15 6.90
CA ASN A 41 9.76 -2.26 6.96
C ASN A 41 10.22 -3.61 6.44
N VAL A 42 10.89 -3.60 5.29
CA VAL A 42 11.39 -4.82 4.67
C VAL A 42 12.67 -4.54 3.88
N ASP A 43 13.19 -5.57 3.21
CA ASP A 43 14.40 -5.43 2.42
C ASP A 43 14.37 -6.32 1.18
N VAL A 44 14.77 -5.75 0.04
CA VAL A 44 14.78 -6.49 -1.21
C VAL A 44 15.88 -7.56 -1.19
N PRO A 45 15.53 -8.82 -1.54
CA PRO A 45 16.48 -9.93 -1.54
C PRO A 45 17.44 -9.90 -2.73
N VAL A 46 16.89 -9.67 -3.92
CA VAL A 46 17.70 -9.64 -5.13
C VAL A 46 17.59 -8.31 -5.86
N THR A 47 18.53 -8.06 -6.76
CA THR A 47 18.53 -6.84 -7.56
C THR A 47 17.84 -7.06 -8.90
N GLY A 48 16.52 -7.19 -8.86
CA GLY A 48 15.78 -7.41 -10.09
C GLY A 48 14.41 -6.76 -10.07
N GLU A 49 13.39 -7.52 -10.46
CA GLU A 49 12.03 -7.01 -10.49
C GLU A 49 11.05 -7.98 -9.83
N TYR A 50 10.00 -7.41 -9.24
CA TYR A 50 8.98 -8.22 -8.57
C TYR A 50 7.58 -7.69 -8.91
N ARG A 51 6.56 -8.51 -8.71
CA ARG A 51 5.19 -8.10 -9.00
C ARG A 51 4.49 -7.63 -7.74
N ILE A 52 3.91 -6.44 -7.80
CA ILE A 52 3.21 -5.88 -6.66
C ILE A 52 1.70 -6.08 -6.77
N ASN A 53 1.05 -6.21 -5.63
CA ASN A 53 -0.39 -6.40 -5.58
C ASN A 53 -0.95 -5.77 -4.31
N LEU A 54 -1.85 -4.80 -4.48
CA LEU A 54 -2.44 -4.11 -3.35
C LEU A 54 -3.82 -4.66 -3.03
N THR A 55 -3.99 -5.10 -1.78
CA THR A 55 -5.26 -5.67 -1.35
C THR A 55 -5.98 -4.72 -0.39
N TRP A 56 -7.28 -4.53 -0.63
CA TRP A 56 -8.07 -3.64 0.22
C TRP A 56 -9.57 -3.97 0.13
N SER A 57 -10.32 -3.63 1.17
CA SER A 57 -11.77 -3.92 1.22
C SER A 57 -12.49 -3.08 2.27
N SER A 58 -12.80 -1.84 1.90
CA SER A 58 -13.54 -0.95 2.79
C SER A 58 -14.88 -0.60 2.16
N PRO A 59 -15.91 -1.39 2.46
CA PRO A 59 -17.24 -1.18 1.88
C PRO A 59 -17.85 0.18 2.24
N TYR A 60 -17.22 1.29 1.85
CA TYR A 60 -17.76 2.61 2.17
C TYR A 60 -17.12 3.77 1.39
N SER A 61 -16.03 4.32 1.94
CA SER A 61 -15.33 5.46 1.35
C SER A 61 -15.10 5.32 -0.15
N SER A 62 -14.57 6.40 -0.76
CA SER A 62 -14.28 6.43 -2.19
C SER A 62 -13.55 7.72 -2.56
N LYS A 63 -12.24 7.64 -2.81
CA LYS A 63 -11.47 8.83 -3.17
C LYS A 63 -10.05 8.48 -3.62
N VAL A 64 -9.40 9.41 -4.32
CA VAL A 64 -8.03 9.21 -4.80
C VAL A 64 -7.09 8.87 -3.66
N ASN A 65 -5.92 8.33 -3.99
CA ASN A 65 -4.94 7.96 -2.97
C ASN A 65 -3.54 7.83 -3.56
N THR A 66 -2.53 7.87 -2.69
CA THR A 66 -1.15 7.74 -3.11
C THR A 66 -0.62 6.34 -2.78
N LEU A 67 0.11 5.77 -3.73
CA LEU A 67 0.67 4.42 -3.55
C LEU A 67 2.18 4.48 -3.35
N VAL A 68 2.62 4.22 -2.12
CA VAL A 68 4.05 4.23 -1.80
C VAL A 68 4.65 2.85 -1.98
N MET A 69 5.26 2.61 -3.13
CA MET A 69 5.88 1.32 -3.41
C MET A 69 7.28 1.51 -3.98
N ASP A 70 8.28 1.08 -3.24
CA ASP A 70 9.67 1.20 -3.68
C ASP A 70 10.09 2.67 -3.77
N GLY A 71 9.67 3.45 -2.78
CA GLY A 71 10.02 4.87 -2.77
C GLY A 71 9.39 5.63 -3.92
N THR A 72 8.27 5.11 -4.43
CA THR A 72 7.58 5.76 -5.55
C THR A 72 6.10 5.96 -5.22
N ALA A 73 5.65 7.21 -5.29
CA ALA A 73 4.26 7.53 -5.01
C ALA A 73 3.46 7.72 -6.29
N LEU A 74 2.82 6.65 -6.75
CA LEU A 74 2.03 6.69 -7.96
C LEU A 74 0.63 7.24 -7.69
N SER A 75 0.23 8.25 -8.46
CA SER A 75 -1.08 8.86 -8.32
C SER A 75 -2.15 8.00 -9.00
N TYR A 76 -3.14 7.57 -8.24
CA TYR A 76 -4.21 6.74 -8.77
C TYR A 76 -5.47 6.86 -7.94
N ALA A 77 -6.63 6.67 -8.59
CA ALA A 77 -7.91 6.74 -7.90
C ALA A 77 -8.18 5.45 -7.14
N PHE A 78 -8.45 5.56 -5.85
CA PHE A 78 -8.70 4.39 -5.02
C PHE A 78 -9.92 4.56 -4.13
N ALA A 79 -11.07 4.09 -4.61
CA ALA A 79 -12.29 4.19 -3.81
C ALA A 79 -12.38 3.00 -2.88
N GLU A 80 -12.66 3.26 -1.61
CA GLU A 80 -12.77 2.19 -0.63
C GLU A 80 -13.70 1.09 -1.12
N ALA A 81 -13.14 0.13 -1.84
CA ALA A 81 -13.90 -0.98 -2.38
C ALA A 81 -14.24 -1.96 -1.28
N THR A 82 -15.23 -2.81 -1.52
CA THR A 82 -15.63 -3.79 -0.53
C THR A 82 -15.11 -5.17 -0.88
N VAL A 83 -15.05 -5.45 -2.17
CA VAL A 83 -14.56 -6.74 -2.66
C VAL A 83 -13.03 -6.77 -2.64
N PRO A 84 -12.43 -7.89 -2.18
CA PRO A 84 -10.97 -8.02 -2.12
C PRO A 84 -10.31 -7.69 -3.46
N VAL A 85 -10.10 -6.41 -3.70
CA VAL A 85 -9.50 -5.95 -4.93
C VAL A 85 -7.97 -6.01 -4.87
N THR A 86 -7.35 -6.45 -5.97
CA THR A 86 -5.91 -6.57 -6.05
C THR A 86 -5.36 -5.74 -7.21
N TYR A 87 -4.57 -4.71 -6.87
CA TYR A 87 -3.98 -3.85 -7.89
C TYR A 87 -2.58 -4.33 -8.25
N VAL A 88 -2.45 -4.93 -9.42
CA VAL A 88 -1.16 -5.45 -9.87
C VAL A 88 -0.27 -4.35 -10.44
N GLN A 89 0.97 -4.30 -9.96
CA GLN A 89 1.94 -3.31 -10.42
C GLN A 89 3.33 -3.92 -10.45
N THR A 90 4.00 -3.80 -11.59
CA THR A 90 5.34 -4.37 -11.72
C THR A 90 6.40 -3.27 -11.68
N LYS A 91 7.48 -3.54 -10.96
CA LYS A 91 8.57 -2.57 -10.82
C LYS A 91 9.86 -3.25 -10.37
N THR A 92 11.00 -2.61 -10.67
CA THR A 92 12.30 -3.17 -10.29
C THR A 92 12.77 -2.64 -8.94
N LEU A 93 13.28 -3.56 -8.11
CA LEU A 93 13.80 -3.21 -6.79
C LEU A 93 15.20 -3.76 -6.62
N SER A 94 16.06 -3.01 -5.92
CA SER A 94 17.43 -3.44 -5.70
C SER A 94 17.62 -3.99 -4.29
N ALA A 95 18.45 -5.02 -4.18
CA ALA A 95 18.73 -5.65 -2.91
C ALA A 95 19.11 -4.62 -1.85
N GLY A 96 18.36 -4.60 -0.75
CA GLY A 96 18.64 -3.64 0.32
C GLY A 96 17.39 -3.27 1.09
N ASN A 97 17.40 -2.10 1.72
CA ASN A 97 16.27 -1.64 2.50
C ASN A 97 15.37 -0.73 1.66
N HIS A 98 14.07 -1.02 1.65
CA HIS A 98 13.12 -0.24 0.88
C HIS A 98 11.79 -0.14 1.62
N SER A 99 11.22 1.07 1.65
CA SER A 99 9.94 1.30 2.32
C SER A 99 8.78 1.04 1.36
N PHE A 100 7.83 0.23 1.81
CA PHE A 100 6.67 -0.10 0.99
C PHE A 100 5.37 0.13 1.75
N GLY A 101 4.32 0.53 1.04
CA GLY A 101 3.04 0.77 1.68
C GLY A 101 2.13 1.67 0.86
N VAL A 102 1.21 2.34 1.55
CA VAL A 102 0.25 3.23 0.91
C VAL A 102 -0.03 4.43 1.79
N ARG A 103 0.20 5.64 1.27
CA ARG A 103 -0.03 6.85 2.04
C ARG A 103 -0.92 7.85 1.29
N VAL A 104 -1.29 8.91 1.98
CA VAL A 104 -2.13 9.96 1.40
C VAL A 104 -1.48 11.33 1.56
N GLY A 105 -1.37 12.07 0.47
CA GLY A 105 -0.77 13.38 0.52
C GLY A 105 -1.43 14.37 -0.43
N SER A 106 -0.81 15.54 -0.57
CA SER A 106 -1.34 16.57 -1.46
C SER A 106 -1.44 16.07 -2.89
N SER A 107 -0.46 15.27 -3.30
CA SER A 107 -0.43 14.72 -4.65
C SER A 107 -1.66 13.83 -4.90
N ASP A 108 -2.15 13.22 -3.82
CA ASP A 108 -3.31 12.34 -3.92
C ASP A 108 -4.01 12.21 -2.56
N TRP A 109 -4.94 13.12 -2.29
CA TRP A 109 -5.67 13.09 -1.02
C TRP A 109 -6.93 12.24 -1.15
N GLY A 110 -7.29 11.56 -0.05
CA GLY A 110 -8.48 10.73 -0.06
C GLY A 110 -8.38 9.56 0.90
N TYR A 111 -9.49 8.87 1.10
CA TYR A 111 -9.54 7.72 2.00
C TYR A 111 -9.20 6.43 1.24
N MET A 112 -8.61 5.47 1.92
CA MET A 112 -8.23 4.20 1.29
C MET A 112 -7.92 3.13 2.34
N ASN A 113 -8.53 1.96 2.18
CA ASN A 113 -8.29 0.85 3.10
C ASN A 113 -6.99 0.15 2.74
N VAL A 114 -6.57 -0.79 3.58
CA VAL A 114 -5.34 -1.51 3.33
C VAL A 114 -5.36 -2.88 4.00
N HIS A 115 -5.25 -3.92 3.18
CA HIS A 115 -5.24 -5.29 3.67
C HIS A 115 -3.83 -5.81 3.83
N SER A 116 -3.09 -5.82 2.73
CA SER A 116 -1.72 -6.31 2.77
C SER A 116 -1.07 -6.20 1.38
N LEU A 117 0.23 -5.91 1.38
CA LEU A 117 0.97 -5.78 0.13
C LEU A 117 1.52 -7.12 -0.32
N LYS A 118 1.84 -7.22 -1.60
CA LYS A 118 2.38 -8.46 -2.16
C LYS A 118 3.54 -8.14 -3.09
N LEU A 119 4.58 -8.97 -3.03
CA LEU A 119 5.75 -8.79 -3.88
C LEU A 119 6.39 -10.15 -4.17
N GLU A 120 6.24 -10.61 -5.41
CA GLU A 120 6.78 -11.90 -5.80
C GLU A 120 7.72 -11.78 -7.00
N LEU A 121 8.29 -12.92 -7.40
CA LEU A 121 9.21 -12.98 -8.52
C LEU A 121 8.46 -12.93 -9.86
N LEU A 122 7.70 -11.85 -10.07
CA LEU A 122 6.92 -11.67 -11.31
C LEU A 122 6.22 -12.96 -11.71
N GLY A 123 4.98 -13.11 -11.27
CA GLY A 123 4.21 -14.30 -11.59
C GLY A 123 3.82 -15.09 -10.37
N SER A 8 7.60 -15.36 -2.33
CA SER A 8 6.79 -14.15 -2.18
C SER A 8 6.86 -13.63 -0.75
N TRP A 9 6.33 -12.43 -0.53
CA TRP A 9 6.34 -11.83 0.79
C TRP A 9 5.26 -10.76 0.93
N THR A 10 4.21 -11.07 1.67
CA THR A 10 3.12 -10.12 1.88
C THR A 10 3.29 -9.42 3.22
N TYR A 11 2.84 -8.18 3.29
CA TYR A 11 2.95 -7.40 4.52
C TYR A 11 1.58 -6.88 4.94
N THR A 12 0.96 -7.55 5.91
CA THR A 12 -0.35 -7.14 6.39
C THR A 12 -0.27 -5.79 7.10
N ALA A 13 -1.34 -5.01 7.02
CA ALA A 13 -1.37 -3.70 7.66
C ALA A 13 -1.23 -3.80 9.17
N ALA A 14 -1.60 -4.96 9.72
CA ALA A 14 -1.52 -5.17 11.16
C ALA A 14 -0.06 -5.27 11.62
N SER A 15 0.82 -5.65 10.70
CA SER A 15 2.24 -5.77 11.01
C SER A 15 3.03 -4.63 10.37
N ALA A 16 2.38 -3.48 10.20
CA ALA A 16 3.02 -2.32 9.60
C ALA A 16 2.94 -1.11 10.52
N SER A 17 3.22 0.07 9.97
CA SER A 17 3.17 1.30 10.75
C SER A 17 2.03 2.20 10.27
N ILE A 18 0.95 2.24 11.06
CA ILE A 18 -0.20 3.07 10.73
C ILE A 18 0.04 4.52 11.10
N THR A 19 0.44 5.32 10.11
CA THR A 19 0.71 6.74 10.32
C THR A 19 -0.58 7.57 10.26
N ALA A 20 -0.93 8.18 11.39
CA ALA A 20 -2.14 9.00 11.45
C ALA A 20 -2.16 10.04 10.31
N PRO A 21 -3.34 10.50 9.88
CA PRO A 21 -4.65 10.08 10.44
C PRO A 21 -4.98 8.62 10.17
N ALA A 22 -4.09 7.90 9.52
CA ALA A 22 -4.32 6.50 9.22
C ALA A 22 -4.52 5.71 10.51
N GLN A 23 -5.45 4.76 10.44
CA GLN A 23 -5.76 3.91 11.59
C GLN A 23 -6.03 2.48 11.14
N LEU A 24 -5.62 1.52 11.96
CA LEU A 24 -5.81 0.12 11.65
C LEU A 24 -7.24 -0.32 11.97
N VAL A 25 -8.10 -0.22 10.96
CA VAL A 25 -9.51 -0.60 11.11
C VAL A 25 -9.75 -2.07 10.76
N GLY A 26 -10.02 -2.89 11.77
CA GLY A 26 -10.27 -4.30 11.54
C GLY A 26 -9.08 -5.01 10.95
N ASN A 27 -7.94 -4.91 11.62
CA ASN A 27 -6.72 -5.55 11.15
C ASN A 27 -6.34 -5.06 9.75
N VAL A 28 -6.85 -3.89 9.38
CA VAL A 28 -6.57 -3.31 8.07
C VAL A 28 -6.24 -1.83 8.22
N GLY A 29 -5.34 -1.33 7.40
CA GLY A 29 -4.96 0.07 7.48
C GLY A 29 -5.98 0.96 6.81
N GLU A 30 -6.23 2.13 7.38
CA GLU A 30 -7.21 3.05 6.79
C GLU A 30 -6.77 4.49 6.96
N LEU A 31 -6.43 5.11 5.83
CA LEU A 31 -6.01 6.50 5.83
C LEU A 31 -7.20 7.42 5.68
N GLN A 32 -6.96 8.71 5.86
CA GLN A 32 -7.99 9.73 5.72
C GLN A 32 -7.35 11.09 5.49
N GLY A 33 -7.57 11.64 4.31
CA GLY A 33 -6.99 12.92 3.98
C GLY A 33 -5.47 12.86 3.94
N ALA A 34 -4.84 13.91 3.44
CA ALA A 34 -3.38 13.96 3.35
C ALA A 34 -2.74 13.89 4.74
N GLY A 35 -1.56 13.31 4.81
CA GLY A 35 -0.85 13.21 6.08
C GLY A 35 -0.85 11.80 6.64
N SER A 36 -1.70 10.93 6.10
CA SER A 36 -1.78 9.54 6.57
C SER A 36 -0.98 8.62 5.67
N ALA A 37 -0.56 7.47 6.22
CA ALA A 37 0.23 6.52 5.44
C ALA A 37 0.39 5.18 6.15
N VAL A 38 0.39 4.11 5.35
CA VAL A 38 0.58 2.76 5.87
C VAL A 38 1.91 2.21 5.36
N ILE A 39 2.98 2.45 6.10
CA ILE A 39 4.31 2.00 5.69
C ILE A 39 4.63 0.61 6.21
N TRP A 40 5.58 -0.04 5.54
CA TRP A 40 6.00 -1.39 5.91
C TRP A 40 7.52 -1.48 5.92
N ASN A 41 8.04 -2.34 6.80
CA ASN A 41 9.49 -2.54 6.90
C ASN A 41 9.87 -3.89 6.30
N VAL A 42 10.59 -3.85 5.18
CA VAL A 42 11.00 -5.08 4.50
C VAL A 42 12.30 -4.87 3.73
N ASP A 43 12.76 -5.95 3.08
CA ASP A 43 14.00 -5.89 2.31
C ASP A 43 13.97 -6.94 1.19
N VAL A 44 13.91 -6.48 -0.05
CA VAL A 44 13.88 -7.39 -1.20
C VAL A 44 15.08 -8.34 -1.16
N PRO A 45 14.88 -9.60 -1.59
CA PRO A 45 15.94 -10.62 -1.58
C PRO A 45 16.97 -10.40 -2.69
N VAL A 46 16.49 -10.26 -3.93
CA VAL A 46 17.38 -10.06 -5.07
C VAL A 46 17.17 -8.70 -5.71
N THR A 47 18.18 -8.27 -6.46
CA THR A 47 18.12 -7.00 -7.17
C THR A 47 17.48 -7.21 -8.53
N GLY A 48 16.15 -7.10 -8.58
CA GLY A 48 15.44 -7.28 -9.83
C GLY A 48 14.12 -6.53 -9.88
N GLU A 49 13.09 -7.18 -10.39
CA GLU A 49 11.77 -6.58 -10.47
C GLU A 49 10.71 -7.50 -9.87
N TYR A 50 9.79 -6.90 -9.11
CA TYR A 50 8.73 -7.65 -8.47
C TYR A 50 7.37 -7.09 -8.84
N ARG A 51 6.34 -7.90 -8.67
CA ARG A 51 4.97 -7.48 -8.99
C ARG A 51 4.23 -7.07 -7.72
N ILE A 52 3.97 -5.78 -7.57
CA ILE A 52 3.29 -5.27 -6.39
C ILE A 52 1.78 -5.39 -6.53
N ASN A 53 1.17 -6.15 -5.62
CA ASN A 53 -0.28 -6.34 -5.62
C ASN A 53 -0.90 -5.62 -4.43
N LEU A 54 -1.85 -4.73 -4.70
CA LEU A 54 -2.49 -3.98 -3.63
C LEU A 54 -3.83 -4.59 -3.27
N THR A 55 -3.98 -4.91 -2.00
CA THR A 55 -5.22 -5.52 -1.51
C THR A 55 -5.92 -4.62 -0.50
N TRP A 56 -7.24 -4.44 -0.69
CA TRP A 56 -8.03 -3.60 0.22
C TRP A 56 -9.45 -4.14 0.39
N SER A 57 -10.11 -3.68 1.46
CA SER A 57 -11.49 -4.09 1.77
C SER A 57 -12.17 -3.11 2.71
N SER A 58 -12.51 -1.94 2.17
CA SER A 58 -13.18 -0.90 2.92
C SER A 58 -14.61 -0.74 2.42
N PRO A 59 -15.56 -1.47 3.00
CA PRO A 59 -16.95 -1.40 2.57
C PRO A 59 -17.50 0.04 2.56
N TYR A 60 -17.20 0.78 1.48
CA TYR A 60 -17.66 2.16 1.37
C TYR A 60 -17.27 2.77 0.01
N SER A 61 -16.40 3.79 0.01
CA SER A 61 -15.96 4.44 -1.22
C SER A 61 -14.99 5.59 -0.91
N SER A 62 -14.01 5.82 -1.80
CA SER A 62 -13.04 6.89 -1.57
C SER A 62 -12.67 7.63 -2.85
N LYS A 63 -11.38 7.88 -3.08
CA LYS A 63 -10.93 8.63 -4.24
C LYS A 63 -9.41 8.48 -4.46
N VAL A 64 -8.92 9.02 -5.57
CA VAL A 64 -7.49 8.96 -5.90
C VAL A 64 -6.62 9.11 -4.65
N ASN A 65 -5.54 8.34 -4.57
CA ASN A 65 -4.64 8.39 -3.44
C ASN A 65 -3.21 8.06 -3.85
N THR A 66 -2.27 8.30 -2.94
CA THR A 66 -0.85 8.03 -3.20
C THR A 66 -0.49 6.60 -2.85
N LEU A 67 0.29 5.96 -3.70
CA LEU A 67 0.70 4.59 -3.47
C LEU A 67 2.23 4.48 -3.35
N VAL A 68 2.70 4.19 -2.14
CA VAL A 68 4.12 4.07 -1.88
C VAL A 68 4.63 2.67 -2.18
N MET A 69 5.23 2.50 -3.36
CA MET A 69 5.77 1.20 -3.75
C MET A 69 7.19 1.37 -4.28
N ASP A 70 8.16 0.94 -3.47
CA ASP A 70 9.59 1.03 -3.80
C ASP A 70 10.17 2.35 -3.30
N GLY A 71 9.54 2.93 -2.29
CA GLY A 71 10.02 4.18 -1.73
C GLY A 71 9.35 5.39 -2.34
N THR A 72 8.88 5.25 -3.57
CA THR A 72 8.22 6.35 -4.27
C THR A 72 6.71 6.20 -4.20
N ALA A 73 6.00 7.33 -4.21
CA ALA A 73 4.54 7.33 -4.15
C ALA A 73 3.94 7.64 -5.51
N LEU A 74 3.33 6.62 -6.13
CA LEU A 74 2.72 6.80 -7.44
C LEU A 74 1.27 7.26 -7.31
N SER A 75 0.84 8.10 -8.24
CA SER A 75 -0.53 8.60 -8.23
C SER A 75 -1.48 7.60 -8.87
N TYR A 76 -2.59 7.31 -8.20
CA TYR A 76 -3.56 6.36 -8.70
C TYR A 76 -4.92 6.56 -8.05
N ALA A 77 -5.98 6.21 -8.77
CA ALA A 77 -7.34 6.36 -8.25
C ALA A 77 -7.67 5.19 -7.30
N PHE A 78 -8.04 5.51 -6.06
CA PHE A 78 -8.36 4.46 -5.11
C PHE A 78 -9.70 4.70 -4.43
N ALA A 79 -10.46 3.63 -4.26
CA ALA A 79 -11.76 3.70 -3.62
C ALA A 79 -11.83 2.75 -2.44
N GLU A 80 -12.88 2.87 -1.64
CA GLU A 80 -13.05 2.00 -0.48
C GLU A 80 -13.99 0.86 -0.85
N ALA A 81 -13.40 -0.22 -1.38
CA ALA A 81 -14.17 -1.40 -1.78
C ALA A 81 -14.19 -2.44 -0.68
N THR A 82 -15.32 -3.11 -0.52
CA THR A 82 -15.45 -4.14 0.51
C THR A 82 -14.83 -5.46 0.07
N VAL A 83 -14.89 -5.73 -1.23
CA VAL A 83 -14.34 -6.96 -1.78
C VAL A 83 -12.82 -6.86 -1.91
N PRO A 84 -12.08 -7.89 -1.45
CA PRO A 84 -10.62 -7.90 -1.54
C PRO A 84 -10.13 -7.65 -2.95
N VAL A 85 -10.08 -6.39 -3.35
CA VAL A 85 -9.64 -6.02 -4.68
C VAL A 85 -8.12 -6.03 -4.78
N THR A 86 -7.61 -6.65 -5.83
CA THR A 86 -6.17 -6.74 -6.05
C THR A 86 -5.74 -5.93 -7.27
N TYR A 87 -4.54 -5.37 -7.20
CA TYR A 87 -4.00 -4.56 -8.30
C TYR A 87 -2.51 -4.81 -8.46
N VAL A 88 -2.14 -5.48 -9.56
CA VAL A 88 -0.74 -5.79 -9.82
C VAL A 88 0.00 -4.59 -10.40
N GLN A 89 1.28 -4.48 -10.04
CA GLN A 89 2.13 -3.39 -10.52
C GLN A 89 3.56 -3.87 -10.70
N THR A 90 4.02 -3.92 -11.94
CA THR A 90 5.37 -4.37 -12.24
C THR A 90 6.37 -3.24 -12.08
N LYS A 91 7.30 -3.40 -11.15
CA LYS A 91 8.31 -2.39 -10.88
C LYS A 91 9.64 -3.02 -10.52
N THR A 92 10.73 -2.30 -10.73
CA THR A 92 12.07 -2.81 -10.44
C THR A 92 12.55 -2.40 -9.05
N LEU A 93 12.95 -3.39 -8.24
CA LEU A 93 13.46 -3.14 -6.90
C LEU A 93 14.87 -3.72 -6.77
N SER A 94 15.74 -3.02 -6.06
CA SER A 94 17.11 -3.49 -5.87
C SER A 94 17.30 -4.06 -4.47
N ALA A 95 18.18 -5.06 -4.38
CA ALA A 95 18.47 -5.71 -3.11
C ALA A 95 18.87 -4.69 -2.05
N GLY A 96 18.32 -4.83 -0.85
CA GLY A 96 18.62 -3.92 0.23
C GLY A 96 17.41 -3.58 1.07
N ASN A 97 17.45 -2.44 1.74
CA ASN A 97 16.34 -2.00 2.59
C ASN A 97 15.42 -1.07 1.82
N HIS A 98 14.17 -1.49 1.64
CA HIS A 98 13.18 -0.70 0.93
C HIS A 98 11.84 -0.71 1.65
N SER A 99 11.22 0.46 1.75
CA SER A 99 9.92 0.58 2.41
C SER A 99 8.79 0.52 1.40
N PHE A 100 7.66 -0.05 1.80
CA PHE A 100 6.51 -0.17 0.93
C PHE A 100 5.21 0.13 1.67
N GLY A 101 4.17 0.47 0.92
CA GLY A 101 2.88 0.77 1.52
C GLY A 101 2.03 1.68 0.67
N VAL A 102 1.13 2.41 1.32
CA VAL A 102 0.23 3.32 0.63
C VAL A 102 0.13 4.65 1.39
N ARG A 103 0.54 5.74 0.73
CA ARG A 103 0.56 7.07 1.34
C ARG A 103 -0.65 7.92 0.88
N VAL A 104 -0.93 8.95 1.66
CA VAL A 104 -2.03 9.87 1.37
C VAL A 104 -1.54 11.31 1.45
N GLY A 105 -1.42 11.95 0.29
CA GLY A 105 -0.94 13.33 0.26
C GLY A 105 -2.01 14.31 -0.21
N SER A 106 -1.64 15.57 -0.33
CA SER A 106 -2.56 16.61 -0.76
C SER A 106 -2.95 16.40 -2.23
N SER A 107 -1.97 16.05 -3.05
CA SER A 107 -2.22 15.82 -4.47
C SER A 107 -3.20 14.67 -4.67
N ASP A 108 -3.19 13.73 -3.74
CA ASP A 108 -4.08 12.57 -3.81
C ASP A 108 -4.55 12.18 -2.42
N TRP A 109 -5.75 12.63 -2.05
CA TRP A 109 -6.31 12.33 -0.74
C TRP A 109 -7.62 11.55 -0.89
N GLY A 110 -7.80 10.54 -0.05
CA GLY A 110 -9.00 9.74 -0.10
C GLY A 110 -8.94 8.52 0.80
N TYR A 111 -9.47 8.66 2.01
CA TYR A 111 -9.48 7.57 3.00
C TYR A 111 -9.72 6.21 2.32
N MET A 112 -8.91 5.23 2.67
CA MET A 112 -9.06 3.89 2.07
C MET A 112 -8.45 2.80 2.93
N ASN A 113 -8.94 1.57 2.74
CA ASN A 113 -8.43 0.42 3.50
C ASN A 113 -7.13 -0.08 2.90
N VAL A 114 -6.35 -0.75 3.73
CA VAL A 114 -5.07 -1.29 3.30
C VAL A 114 -4.85 -2.67 3.90
N HIS A 115 -5.17 -3.70 3.12
CA HIS A 115 -5.03 -5.08 3.56
C HIS A 115 -3.58 -5.48 3.70
N SER A 116 -2.82 -5.33 2.63
CA SER A 116 -1.41 -5.70 2.67
C SER A 116 -0.71 -5.40 1.36
N LEU A 117 0.62 -5.31 1.43
CA LEU A 117 1.43 -5.04 0.27
C LEU A 117 2.17 -6.30 -0.17
N LYS A 118 1.62 -6.99 -1.17
CA LYS A 118 2.22 -8.22 -1.67
C LYS A 118 3.29 -7.93 -2.72
N LEU A 119 4.45 -8.53 -2.54
CA LEU A 119 5.56 -8.35 -3.47
C LEU A 119 6.12 -9.72 -3.89
N GLU A 120 5.85 -10.11 -5.13
CA GLU A 120 6.31 -11.40 -5.64
C GLU A 120 7.48 -11.24 -6.62
N LEU A 121 8.14 -12.35 -6.93
CA LEU A 121 9.26 -12.34 -7.86
C LEU A 121 8.77 -12.33 -9.31
N LEU A 122 7.92 -11.36 -9.63
CA LEU A 122 7.37 -11.25 -10.98
C LEU A 122 6.64 -12.53 -11.38
N GLY A 123 6.07 -12.53 -12.58
CA GLY A 123 5.36 -13.70 -13.06
C GLY A 123 6.17 -14.50 -14.07
N SER A 8 7.54 -15.03 -2.68
CA SER A 8 6.20 -14.48 -2.54
C SER A 8 5.87 -14.30 -1.05
N TRP A 9 5.85 -13.05 -0.61
CA TRP A 9 5.56 -12.75 0.79
C TRP A 9 4.68 -11.52 0.93
N THR A 10 3.69 -11.60 1.81
CA THR A 10 2.78 -10.48 2.06
C THR A 10 2.96 -9.97 3.48
N TYR A 11 2.55 -8.73 3.70
CA TYR A 11 2.64 -8.12 5.02
C TYR A 11 1.35 -7.38 5.35
N THR A 12 0.51 -8.00 6.17
CA THR A 12 -0.77 -7.40 6.55
C THR A 12 -0.54 -6.06 7.24
N ALA A 13 -1.57 -5.22 7.24
CA ALA A 13 -1.48 -3.89 7.86
C ALA A 13 -1.36 -3.98 9.37
N ALA A 14 -1.69 -5.14 9.93
CA ALA A 14 -1.61 -5.33 11.38
C ALA A 14 -0.15 -5.36 11.85
N SER A 15 0.78 -5.52 10.91
CA SER A 15 2.20 -5.56 11.23
C SER A 15 2.92 -4.34 10.68
N ALA A 16 2.23 -3.57 9.83
CA ALA A 16 2.82 -2.37 9.23
C ALA A 16 2.75 -1.19 10.20
N SER A 17 2.98 0.00 9.67
CA SER A 17 2.95 1.21 10.47
C SER A 17 1.76 2.09 10.10
N ILE A 18 0.74 2.07 10.95
CA ILE A 18 -0.46 2.87 10.72
C ILE A 18 -0.25 4.30 11.21
N THR A 19 0.13 5.18 10.29
CA THR A 19 0.38 6.58 10.62
C THR A 19 -0.89 7.43 10.46
N ALA A 20 -1.39 7.95 11.57
CA ALA A 20 -2.60 8.78 11.56
C ALA A 20 -2.53 9.82 10.42
N PRO A 21 -3.69 10.18 9.83
CA PRO A 21 -5.02 9.68 10.21
C PRO A 21 -5.22 8.18 9.94
N ALA A 22 -4.17 7.50 9.53
CA ALA A 22 -4.28 6.07 9.26
C ALA A 22 -4.73 5.32 10.49
N GLN A 23 -5.62 4.37 10.29
CA GLN A 23 -6.16 3.55 11.37
C GLN A 23 -6.24 2.09 10.95
N LEU A 24 -6.06 1.18 11.89
CA LEU A 24 -6.10 -0.25 11.58
C LEU A 24 -7.50 -0.83 11.80
N VAL A 25 -8.29 -0.80 10.74
CA VAL A 25 -9.66 -1.33 10.77
C VAL A 25 -9.70 -2.78 10.29
N GLY A 26 -9.74 -3.71 11.25
CA GLY A 26 -9.78 -5.12 10.91
C GLY A 26 -8.59 -5.55 10.10
N ASN A 27 -7.42 -5.46 10.71
CA ASN A 27 -6.17 -5.83 10.05
C ASN A 27 -6.03 -5.09 8.72
N VAL A 28 -6.70 -3.94 8.60
CA VAL A 28 -6.66 -3.15 7.38
C VAL A 28 -6.48 -1.67 7.69
N GLY A 29 -5.44 -1.05 7.14
CA GLY A 29 -5.20 0.35 7.38
C GLY A 29 -6.42 1.22 7.14
N GLU A 30 -6.28 2.53 7.40
CA GLU A 30 -7.38 3.47 7.22
C GLU A 30 -6.86 4.88 7.05
N LEU A 31 -6.36 5.21 5.87
CA LEU A 31 -5.84 6.54 5.62
C LEU A 31 -6.95 7.53 5.38
N GLN A 32 -6.65 8.81 5.57
CA GLN A 32 -7.64 9.87 5.37
C GLN A 32 -6.99 11.07 4.68
N GLY A 33 -7.02 12.24 5.31
CA GLY A 33 -6.40 13.41 4.72
C GLY A 33 -4.90 13.25 4.56
N ALA A 34 -4.21 14.33 4.22
CA ALA A 34 -2.77 14.28 4.05
C ALA A 34 -2.07 13.99 5.37
N GLY A 35 -0.92 13.33 5.30
CA GLY A 35 -0.17 13.00 6.51
C GLY A 35 -0.25 11.53 6.87
N SER A 36 -1.34 10.88 6.47
CA SER A 36 -1.53 9.46 6.76
C SER A 36 -0.58 8.61 5.92
N ALA A 37 -0.22 7.44 6.42
CA ALA A 37 0.70 6.57 5.69
C ALA A 37 0.79 5.19 6.31
N VAL A 38 0.73 4.17 5.46
CA VAL A 38 0.84 2.78 5.88
C VAL A 38 2.13 2.22 5.31
N ILE A 39 3.22 2.34 6.06
CA ILE A 39 4.51 1.86 5.58
C ILE A 39 4.86 0.49 6.16
N TRP A 40 5.66 -0.26 5.41
CA TRP A 40 6.08 -1.59 5.81
C TRP A 40 7.60 -1.69 5.82
N ASN A 41 8.15 -2.51 6.71
CA ASN A 41 9.59 -2.69 6.81
C ASN A 41 9.99 -4.09 6.33
N VAL A 42 10.75 -4.14 5.25
CA VAL A 42 11.21 -5.41 4.69
C VAL A 42 12.46 -5.22 3.84
N ASP A 43 12.97 -6.32 3.29
CA ASP A 43 14.17 -6.27 2.45
C ASP A 43 13.96 -7.06 1.16
N VAL A 44 14.60 -6.60 0.09
CA VAL A 44 14.50 -7.25 -1.21
C VAL A 44 15.63 -8.27 -1.40
N PRO A 45 15.28 -9.54 -1.68
CA PRO A 45 16.27 -10.60 -1.88
C PRO A 45 17.32 -10.24 -2.93
N VAL A 46 16.87 -9.76 -4.09
CA VAL A 46 17.78 -9.41 -5.16
C VAL A 46 17.41 -8.07 -5.81
N THR A 47 18.10 -7.74 -6.89
CA THR A 47 17.87 -6.50 -7.61
C THR A 47 17.15 -6.76 -8.91
N GLY A 48 15.81 -6.67 -8.88
CA GLY A 48 15.02 -6.90 -10.07
C GLY A 48 13.63 -6.30 -9.97
N GLU A 49 12.80 -6.56 -10.97
CA GLU A 49 11.44 -6.04 -10.98
C GLU A 49 10.46 -7.08 -10.45
N TYR A 50 9.91 -6.81 -9.28
CA TYR A 50 8.96 -7.71 -8.64
C TYR A 50 7.54 -7.33 -8.99
N ARG A 51 6.64 -8.31 -8.91
CA ARG A 51 5.23 -8.08 -9.22
C ARG A 51 4.46 -7.73 -7.95
N ILE A 52 4.15 -6.46 -7.79
CA ILE A 52 3.43 -6.00 -6.61
C ILE A 52 1.93 -5.93 -6.87
N ASN A 53 1.15 -6.15 -5.82
CA ASN A 53 -0.30 -6.10 -5.91
C ASN A 53 -0.88 -5.55 -4.62
N LEU A 54 -1.77 -4.58 -4.74
CA LEU A 54 -2.39 -3.97 -3.56
C LEU A 54 -3.77 -4.55 -3.30
N THR A 55 -4.02 -4.84 -2.04
CA THR A 55 -5.31 -5.41 -1.63
C THR A 55 -6.00 -4.53 -0.59
N TRP A 56 -7.31 -4.33 -0.76
CA TRP A 56 -8.07 -3.51 0.18
C TRP A 56 -9.47 -4.11 0.44
N SER A 57 -10.09 -3.67 1.53
CA SER A 57 -11.42 -4.15 1.93
C SER A 57 -12.07 -3.17 2.88
N SER A 58 -12.58 -2.09 2.32
CA SER A 58 -13.25 -1.05 3.08
C SER A 58 -14.68 -0.91 2.59
N PRO A 59 -15.64 -1.52 3.29
CA PRO A 59 -17.05 -1.49 2.89
C PRO A 59 -17.71 -0.09 2.94
N TYR A 60 -17.06 0.92 2.37
CA TYR A 60 -17.64 2.27 2.36
C TYR A 60 -17.33 3.01 1.06
N SER A 61 -16.17 3.65 0.98
CA SER A 61 -15.77 4.41 -0.21
C SER A 61 -14.44 5.12 0.01
N SER A 62 -13.76 5.50 -1.07
CA SER A 62 -12.47 6.16 -0.95
C SER A 62 -12.33 7.35 -1.92
N LYS A 63 -11.14 7.51 -2.49
CA LYS A 63 -10.86 8.63 -3.39
C LYS A 63 -9.42 8.55 -3.91
N VAL A 64 -9.06 9.45 -4.82
CA VAL A 64 -7.71 9.49 -5.38
C VAL A 64 -6.66 9.32 -4.27
N ASN A 65 -5.55 8.65 -4.58
CA ASN A 65 -4.50 8.44 -3.59
C ASN A 65 -3.15 8.10 -4.23
N THR A 66 -2.10 8.10 -3.41
CA THR A 66 -0.75 7.81 -3.89
C THR A 66 -0.28 6.44 -3.40
N LEU A 67 0.35 5.69 -4.30
CA LEU A 67 0.87 4.36 -3.99
C LEU A 67 2.37 4.41 -3.76
N VAL A 68 2.80 4.34 -2.50
CA VAL A 68 4.21 4.38 -2.17
C VAL A 68 4.81 2.97 -2.13
N MET A 69 5.41 2.56 -3.24
CA MET A 69 6.02 1.23 -3.31
C MET A 69 7.51 1.35 -3.66
N ASP A 70 8.35 0.92 -2.72
CA ASP A 70 9.81 0.97 -2.91
C ASP A 70 10.31 2.42 -2.90
N GLY A 71 9.57 3.29 -2.22
CA GLY A 71 9.97 4.69 -2.14
C GLY A 71 9.29 5.55 -3.19
N THR A 72 8.90 4.94 -4.30
CA THR A 72 8.24 5.67 -5.37
C THR A 72 6.73 5.76 -5.12
N ALA A 73 6.16 6.93 -5.38
CA ALA A 73 4.73 7.14 -5.17
C ALA A 73 4.00 7.36 -6.49
N LEU A 74 3.26 6.35 -6.94
CA LEU A 74 2.51 6.43 -8.18
C LEU A 74 1.11 6.98 -7.92
N SER A 75 0.57 7.73 -8.88
CA SER A 75 -0.76 8.30 -8.74
C SER A 75 -1.83 7.26 -9.06
N TYR A 76 -2.48 6.76 -8.02
CA TYR A 76 -3.53 5.76 -8.18
C TYR A 76 -4.79 6.19 -7.45
N ALA A 77 -5.81 6.56 -8.23
CA ALA A 77 -7.07 7.01 -7.67
C ALA A 77 -8.11 5.89 -7.63
N PHE A 78 -8.87 5.81 -6.53
CA PHE A 78 -9.89 4.77 -6.43
C PHE A 78 -10.75 4.94 -5.19
N ALA A 79 -11.72 4.04 -5.03
CA ALA A 79 -12.62 4.07 -3.89
C ALA A 79 -12.23 2.99 -2.90
N GLU A 80 -13.14 2.65 -2.00
CA GLU A 80 -12.88 1.62 -1.00
C GLU A 80 -13.94 0.53 -1.07
N ALA A 81 -13.53 -0.63 -1.54
CA ALA A 81 -14.41 -1.79 -1.69
C ALA A 81 -14.32 -2.68 -0.47
N THR A 82 -15.41 -3.39 -0.18
CA THR A 82 -15.42 -4.30 0.96
C THR A 82 -14.71 -5.61 0.62
N VAL A 83 -14.81 -6.00 -0.64
CA VAL A 83 -14.20 -7.24 -1.11
C VAL A 83 -12.70 -7.04 -1.36
N PRO A 84 -11.87 -8.03 -0.99
CA PRO A 84 -10.41 -7.96 -1.17
C PRO A 84 -10.03 -7.80 -2.64
N VAL A 85 -10.15 -6.57 -3.15
CA VAL A 85 -9.81 -6.28 -4.54
C VAL A 85 -8.31 -6.14 -4.70
N THR A 86 -7.75 -6.81 -5.71
CA THR A 86 -6.32 -6.75 -5.96
C THR A 86 -6.00 -5.96 -7.24
N TYR A 87 -4.79 -5.42 -7.29
CA TYR A 87 -4.33 -4.65 -8.44
C TYR A 87 -2.90 -5.04 -8.79
N VAL A 88 -2.57 -5.01 -10.08
CA VAL A 88 -1.23 -5.37 -10.53
C VAL A 88 -0.35 -4.14 -10.71
N GLN A 89 0.91 -4.25 -10.28
CA GLN A 89 1.87 -3.15 -10.38
C GLN A 89 3.29 -3.69 -10.38
N THR A 90 3.99 -3.49 -11.49
CA THR A 90 5.37 -3.96 -11.62
C THR A 90 6.36 -2.81 -11.48
N LYS A 91 7.45 -3.05 -10.76
CA LYS A 91 8.47 -2.04 -10.55
C LYS A 91 9.79 -2.69 -10.14
N THR A 92 10.90 -1.98 -10.38
CA THR A 92 12.23 -2.50 -10.05
C THR A 92 12.65 -2.10 -8.63
N LEU A 93 13.07 -3.10 -7.85
CA LEU A 93 13.52 -2.86 -6.48
C LEU A 93 14.99 -3.27 -6.33
N SER A 94 15.67 -2.65 -5.38
CA SER A 94 17.08 -2.95 -5.13
C SER A 94 17.25 -3.81 -3.88
N ALA A 95 18.41 -4.43 -3.76
CA ALA A 95 18.71 -5.28 -2.62
C ALA A 95 18.97 -4.45 -1.37
N GLY A 96 18.51 -4.95 -0.22
CA GLY A 96 18.71 -4.23 1.03
C GLY A 96 17.41 -3.91 1.73
N ASN A 97 17.35 -2.75 2.37
CA ASN A 97 16.16 -2.32 3.08
C ASN A 97 15.43 -1.23 2.32
N HIS A 98 14.10 -1.35 2.23
CA HIS A 98 13.29 -0.37 1.53
C HIS A 98 11.98 -0.12 2.26
N SER A 99 11.25 0.91 1.84
CA SER A 99 9.97 1.25 2.46
C SER A 99 8.83 1.12 1.47
N PHE A 100 7.86 0.26 1.79
CA PHE A 100 6.70 0.05 0.93
C PHE A 100 5.42 0.42 1.66
N GLY A 101 4.38 0.79 0.91
CA GLY A 101 3.13 1.16 1.53
C GLY A 101 2.23 1.99 0.63
N VAL A 102 1.27 2.66 1.26
CA VAL A 102 0.33 3.51 0.54
C VAL A 102 -0.04 4.71 1.39
N ARG A 103 0.23 5.92 0.90
CA ARG A 103 -0.07 7.13 1.66
C ARG A 103 -0.94 8.09 0.87
N VAL A 104 -1.26 9.22 1.50
CA VAL A 104 -2.09 10.24 0.88
C VAL A 104 -1.28 11.47 0.51
N GLY A 105 -1.46 11.95 -0.73
CA GLY A 105 -0.74 13.13 -1.17
C GLY A 105 -1.53 14.40 -1.00
N SER A 106 -0.94 15.53 -1.38
CA SER A 106 -1.60 16.82 -1.24
C SER A 106 -2.60 17.04 -2.38
N SER A 107 -2.15 16.82 -3.61
CA SER A 107 -3.00 16.99 -4.78
C SER A 107 -3.97 15.83 -4.92
N ASP A 108 -3.55 14.65 -4.45
CA ASP A 108 -4.39 13.46 -4.53
C ASP A 108 -4.62 12.88 -3.13
N TRP A 109 -5.80 13.14 -2.58
CA TRP A 109 -6.14 12.65 -1.25
C TRP A 109 -7.44 11.82 -1.28
N GLY A 110 -7.46 10.78 -0.46
CA GLY A 110 -8.62 9.92 -0.38
C GLY A 110 -8.53 8.94 0.77
N TYR A 111 -9.57 8.88 1.60
CA TYR A 111 -9.59 7.98 2.74
C TYR A 111 -9.72 6.54 2.29
N MET A 112 -8.64 5.77 2.37
CA MET A 112 -8.67 4.37 1.95
C MET A 112 -8.09 3.45 3.00
N ASN A 113 -8.60 2.23 3.07
CA ASN A 113 -8.10 1.23 4.00
C ASN A 113 -7.06 0.38 3.30
N VAL A 114 -6.13 -0.19 4.05
CA VAL A 114 -5.08 -1.00 3.46
C VAL A 114 -5.06 -2.41 4.03
N HIS A 115 -5.39 -3.39 3.17
CA HIS A 115 -5.42 -4.79 3.57
C HIS A 115 -4.03 -5.35 3.74
N SER A 116 -3.23 -5.28 2.69
CA SER A 116 -1.88 -5.81 2.75
C SER A 116 -1.13 -5.60 1.44
N LEU A 117 0.18 -5.40 1.56
CA LEU A 117 1.04 -5.20 0.40
C LEU A 117 1.72 -6.51 0.02
N LYS A 118 1.63 -6.88 -1.25
CA LYS A 118 2.23 -8.13 -1.71
C LYS A 118 3.36 -7.88 -2.70
N LEU A 119 4.40 -8.71 -2.62
CA LEU A 119 5.54 -8.58 -3.52
C LEU A 119 6.07 -9.96 -3.92
N GLU A 120 5.94 -10.29 -5.20
CA GLU A 120 6.40 -11.57 -5.72
C GLU A 120 7.64 -11.39 -6.58
N LEU A 121 8.13 -12.48 -7.16
CA LEU A 121 9.32 -12.41 -8.02
C LEU A 121 8.94 -12.25 -9.49
N LEU A 122 7.76 -11.66 -9.73
CA LEU A 122 7.29 -11.44 -11.09
C LEU A 122 7.27 -12.74 -11.89
N GLY A 123 6.30 -13.60 -11.59
CA GLY A 123 6.19 -14.87 -12.29
C GLY A 123 7.45 -15.70 -12.18
#